data_9CS0
#
_entry.id   9CS0
#
_cell.length_a   57.954
_cell.length_b   81.704
_cell.length_c   128.531
_cell.angle_alpha   90.00
_cell.angle_beta   90.00
_cell.angle_gamma   90.00
#
_symmetry.space_group_name_H-M   'P 2 2 21'
#
loop_
_entity.id
_entity.type
_entity.pdbx_description
1 polymer 'Outer membrane protein assembly factor BamA'
2 polymer 'Cyclic peptide CP1'
3 polymer 'Darobactin A'
4 non-polymer tetrabutylphosphonium
5 water water
#
loop_
_entity_poly.entity_id
_entity_poly.type
_entity_poly.pdbx_seq_one_letter_code
_entity_poly.pdbx_strand_id
1 'polypeptide(L)'
;MNTGSFNFGIGYGTESGVSFQAGVQQDNWLGTGYAVGINGTKNDYQTYAELSVTNPYFTVDGVSLGGRLFYNDFQADDAD
LSDYTNKSYGTDVTLGFPINEYNSLRAGLGYVHNSLSNMQPQVAMWRYLYSMGEHPSTSDQDNSFKTDDFTFNYGWTYNK
LDRGYFPTDGSRVNLTGKVTIPGSDNEYYKVTLDTATYVPIDDDHKWVVLGRTRWGYGDGLGGKEMPFYENFYAGGSSTV
RGFQSNTIGPKAVYFPHQASNYDPDYDYECATQDGAKDLCKSDDAVGGNAMAVASLEFITPTPFISDKYANSVRTSFFWD
MGTVWDTNWDSSQYSGYPDYSDPSNIRMSAGIALQWMSPLGPLVFSYAQPFKKYDGDKAEQFQFNIGKTW
;
A
2 'polypeptide(L)' (R3W)FLW(MEA)YHRPVRG(MEA)DCG(NH2) C
3 'polypeptide(L)' WN(UX8)SKSF D
#
# COMPACT_ATOMS: atom_id res chain seq x y z
N THR A 3 8.15 10.50 30.08
CA THR A 3 7.07 11.50 29.99
C THR A 3 6.42 11.36 28.61
N GLY A 4 5.32 12.09 28.37
CA GLY A 4 4.53 11.89 27.16
C GLY A 4 4.52 13.10 26.23
N SER A 5 3.72 12.99 25.15
CA SER A 5 3.59 14.07 24.19
C SER A 5 2.36 13.91 23.32
N PHE A 6 2.04 14.98 22.58
CA PHE A 6 1.02 14.97 21.56
C PHE A 6 1.59 15.61 20.30
N ASN A 7 0.87 15.48 19.18
CA ASN A 7 1.41 15.90 17.89
C ASN A 7 0.30 16.03 16.85
N PHE A 8 0.57 16.79 15.81
CA PHE A 8 -0.32 16.86 14.68
C PHE A 8 0.52 17.18 13.46
N GLY A 9 0.04 16.72 12.31
CA GLY A 9 0.83 16.76 11.10
C GLY A 9 -0.03 16.93 9.87
N ILE A 10 0.60 17.50 8.85
CA ILE A 10 -0.04 17.73 7.59
C ILE A 10 0.98 17.36 6.53
N GLY A 11 0.49 16.61 5.56
CA GLY A 11 1.25 16.27 4.39
C GLY A 11 0.34 16.40 3.18
N TYR A 12 0.93 16.21 2.01
CA TYR A 12 0.18 16.37 0.79
C TYR A 12 0.90 15.56 -0.29
N GLY A 13 0.11 14.87 -1.11
CA GLY A 13 0.68 14.12 -2.21
C GLY A 13 -0.41 13.80 -3.22
N THR A 14 0.05 13.39 -4.40
CA THR A 14 -0.85 13.07 -5.49
C THR A 14 -1.56 11.75 -5.19
N GLU A 15 -0.96 10.85 -4.39
CA GLU A 15 -1.59 9.56 -4.07
C GLU A 15 -2.75 9.75 -3.08
N SER A 16 -2.68 10.77 -2.22
CA SER A 16 -3.49 10.80 -1.02
C SER A 16 -4.29 12.10 -0.89
N GLY A 17 -3.85 13.15 -1.60
CA GLY A 17 -4.32 14.50 -1.32
C GLY A 17 -3.71 14.99 -0.01
N VAL A 18 -4.43 15.89 0.66
CA VAL A 18 -4.01 16.39 1.95
C VAL A 18 -4.20 15.26 2.98
N SER A 19 -3.18 15.07 3.79
CA SER A 19 -3.21 14.05 4.81
C SER A 19 -3.02 14.70 6.17
N PHE A 20 -3.93 14.42 7.11
CA PHE A 20 -3.81 14.96 8.46
C PHE A 20 -3.54 13.81 9.42
N GLN A 21 -2.59 14.04 10.32
CA GLN A 21 -2.25 13.12 11.39
C GLN A 21 -2.43 13.83 12.74
N ALA A 22 -2.85 13.08 13.77
CA ALA A 22 -2.78 13.59 15.12
C ALA A 22 -2.75 12.44 16.10
N GLY A 23 -2.00 12.60 17.19
CA GLY A 23 -1.87 11.56 18.19
C GLY A 23 -1.45 12.10 19.55
N VAL A 24 -1.62 11.25 20.56
CA VAL A 24 -1.06 11.45 21.86
C VAL A 24 -0.28 10.18 22.14
N GLN A 25 0.87 10.32 22.80
CA GLN A 25 1.72 9.19 23.10
C GLN A 25 2.28 9.42 24.50
N GLN A 26 2.53 8.33 25.22
CA GLN A 26 3.20 8.33 26.50
C GLN A 26 4.04 7.06 26.60
N ASP A 27 5.36 7.22 26.71
CA ASP A 27 6.24 6.10 27.03
C ASP A 27 5.93 5.64 28.44
N ASN A 28 6.15 4.36 28.70
CA ASN A 28 6.05 3.82 30.04
C ASN A 28 4.81 4.35 30.77
N TRP A 29 3.64 4.17 30.16
CA TRP A 29 2.37 4.66 30.68
C TRP A 29 2.02 4.01 32.02
N LEU A 30 1.74 4.85 33.02
CA LEU A 30 1.48 4.43 34.40
C LEU A 30 2.53 3.45 34.92
N GLY A 31 3.77 3.53 34.40
CA GLY A 31 4.87 2.68 34.86
C GLY A 31 4.74 1.23 34.41
N THR A 32 3.92 0.96 33.40
CA THR A 32 3.65 -0.43 33.01
C THR A 32 4.79 -0.97 32.14
N GLY A 33 5.62 -0.09 31.58
CA GLY A 33 6.66 -0.52 30.65
C GLY A 33 6.16 -0.53 29.21
N TYR A 34 4.88 -0.17 29.02
CA TYR A 34 4.25 -0.15 27.70
C TYR A 34 4.12 1.29 27.27
N ALA A 35 4.57 1.61 26.05
CA ALA A 35 4.19 2.86 25.42
C ALA A 35 2.74 2.75 24.96
N VAL A 36 2.00 3.84 25.12
CA VAL A 36 0.60 3.89 24.77
C VAL A 36 0.37 5.07 23.84
N GLY A 37 -0.19 4.76 22.67
CA GLY A 37 -0.46 5.77 21.65
C GLY A 37 -1.92 5.71 21.21
N ILE A 38 -2.47 6.89 20.94
CA ILE A 38 -3.74 7.01 20.24
C ILE A 38 -3.48 7.95 19.08
N ASN A 39 -3.75 7.45 17.86
CA ASN A 39 -3.38 8.15 16.64
C ASN A 39 -4.55 8.08 15.67
N GLY A 40 -4.71 9.13 14.87
CA GLY A 40 -5.62 9.11 13.75
C GLY A 40 -4.95 9.72 12.53
N THR A 41 -5.38 9.30 11.34
CA THR A 41 -4.90 9.83 10.07
C THR A 41 -6.07 9.89 9.10
N LYS A 42 -6.11 10.95 8.30
CA LYS A 42 -7.20 11.14 7.35
C LYS A 42 -6.59 11.73 6.10
N ASN A 43 -7.10 11.28 4.94
CA ASN A 43 -6.67 11.75 3.63
C ASN A 43 -7.93 11.73 2.79
N ASP A 44 -7.81 11.84 1.47
CA ASP A 44 -8.96 12.04 0.61
C ASP A 44 -9.91 10.85 0.64
N TYR A 45 -9.45 9.67 1.05
CA TYR A 45 -10.27 8.51 0.83
C TYR A 45 -10.35 7.65 2.07
N GLN A 46 -9.60 8.00 3.10
CA GLN A 46 -9.44 7.10 4.24
C GLN A 46 -9.44 7.91 5.54
N THR A 47 -10.03 7.34 6.57
CA THR A 47 -9.89 7.83 7.94
C THR A 47 -9.58 6.63 8.81
N TYR A 48 -8.52 6.73 9.62
CA TYR A 48 -8.09 5.61 10.44
C TYR A 48 -7.77 6.13 11.83
N ALA A 49 -8.09 5.36 12.86
CA ALA A 49 -7.63 5.66 14.19
C ALA A 49 -7.20 4.37 14.86
N GLU A 50 -6.23 4.47 15.77
CA GLU A 50 -5.87 3.32 16.55
C GLU A 50 -5.42 3.73 17.94
N LEU A 51 -5.54 2.76 18.83
CA LEU A 51 -4.88 2.75 20.10
C LEU A 51 -3.84 1.64 20.04
N SER A 52 -2.59 1.96 20.39
CA SER A 52 -1.52 0.98 20.47
C SER A 52 -0.92 0.95 21.88
N VAL A 53 -0.52 -0.26 22.28
CA VAL A 53 0.12 -0.50 23.54
C VAL A 53 1.33 -1.37 23.21
N THR A 54 2.54 -0.88 23.49
CA THR A 54 3.75 -1.50 22.98
C THR A 54 4.83 -1.51 24.04
N ASN A 55 5.35 -2.71 24.27
CA ASN A 55 6.51 -2.89 25.10
C ASN A 55 7.67 -3.38 24.23
N PRO A 56 8.64 -2.49 23.92
CA PRO A 56 9.77 -2.84 23.05
C PRO A 56 10.72 -3.85 23.68
N TYR A 57 10.69 -3.94 25.00
CA TYR A 57 11.49 -4.89 25.75
C TYR A 57 10.53 -5.75 26.55
N PHE A 58 9.68 -6.49 25.81
CA PHE A 58 8.82 -7.50 26.39
C PHE A 58 9.67 -8.59 27.04
N THR A 59 10.82 -8.89 26.43
CA THR A 59 11.90 -9.59 27.09
C THR A 59 13.09 -8.64 27.15
N VAL A 60 14.09 -8.99 27.95
CA VAL A 60 15.24 -8.12 28.18
C VAL A 60 16.15 -8.09 26.94
N ASP A 61 15.95 -9.06 26.04
CA ASP A 61 16.69 -9.16 24.78
C ASP A 61 16.06 -8.32 23.66
N GLY A 62 14.95 -7.62 23.93
CA GLY A 62 14.39 -6.71 22.96
C GLY A 62 13.37 -7.38 22.03
N VAL A 63 12.95 -8.60 22.35
CA VAL A 63 11.68 -9.12 21.87
C VAL A 63 10.54 -8.20 22.31
N SER A 64 9.72 -7.76 21.35
CA SER A 64 8.75 -6.72 21.63
C SER A 64 7.36 -7.34 21.59
N LEU A 65 6.45 -6.76 22.38
CA LEU A 65 5.06 -7.16 22.34
C LEU A 65 4.25 -5.89 22.14
N GLY A 66 3.35 -5.95 21.16
CA GLY A 66 2.47 -4.84 20.84
C GLY A 66 1.05 -5.34 20.63
N GLY A 67 0.09 -4.52 21.04
CA GLY A 67 -1.33 -4.78 20.82
C GLY A 67 -2.02 -3.50 20.36
N ARG A 68 -2.97 -3.64 19.45
CA ARG A 68 -3.67 -2.48 18.93
C ARG A 68 -5.15 -2.78 18.79
N LEU A 69 -5.93 -1.70 18.87
CA LEU A 69 -7.31 -1.61 18.45
C LEU A 69 -7.38 -0.56 17.36
N PHE A 70 -8.22 -0.75 16.33
CA PHE A 70 -8.32 0.24 15.30
C PHE A 70 -9.68 0.20 14.63
N TYR A 71 -9.98 1.29 13.92
CA TYR A 71 -11.08 1.33 13.00
C TYR A 71 -10.61 2.07 11.76
N ASN A 72 -11.35 1.87 10.68
CA ASN A 72 -11.00 2.41 9.38
C ASN A 72 -12.28 2.59 8.56
N ASP A 73 -12.30 3.71 7.85
CA ASP A 73 -13.31 4.06 6.88
CA ASP A 73 -13.31 4.04 6.87
C ASP A 73 -12.62 4.33 5.55
N PHE A 74 -12.91 3.51 4.55
CA PHE A 74 -12.26 3.57 3.26
C PHE A 74 -13.29 3.78 2.17
N GLN A 75 -13.02 4.75 1.30
CA GLN A 75 -13.95 5.13 0.25
C GLN A 75 -13.22 4.85 -1.05
N ALA A 76 -13.52 3.74 -1.72
CA ALA A 76 -12.70 3.27 -2.82
C ALA A 76 -12.68 4.24 -4.00
N ASP A 77 -13.82 4.90 -4.30
CA ASP A 77 -13.91 5.80 -5.44
C ASP A 77 -12.96 6.98 -5.25
N ASP A 78 -12.76 7.42 -4.02
CA ASP A 78 -11.83 8.50 -3.79
C ASP A 78 -10.38 8.00 -3.83
N ALA A 79 -10.18 6.67 -3.92
CA ALA A 79 -8.85 6.10 -4.11
C ALA A 79 -8.58 5.77 -5.57
N ASP A 80 -9.44 6.28 -6.47
CA ASP A 80 -9.35 6.08 -7.92
C ASP A 80 -9.66 4.65 -8.26
N LEU A 81 -10.52 4.02 -7.45
CA LEU A 81 -11.00 2.68 -7.72
C LEU A 81 -12.48 2.70 -8.07
N SER A 82 -13.01 1.56 -8.55
CA SER A 82 -14.43 1.35 -8.61
C SER A 82 -15.00 1.43 -7.19
N ASP A 83 -16.26 1.85 -7.08
CA ASP A 83 -16.79 2.42 -5.86
C ASP A 83 -17.21 1.31 -4.92
N TYR A 84 -16.86 1.50 -3.65
CA TYR A 84 -17.42 0.78 -2.54
C TYR A 84 -16.98 1.52 -1.29
N THR A 85 -17.66 1.22 -0.17
CA THR A 85 -17.27 1.70 1.13
C THR A 85 -16.92 0.47 1.96
N ASN A 86 -15.81 0.58 2.68
CA ASN A 86 -15.38 -0.42 3.63
C ASN A 86 -15.09 0.26 4.97
N LYS A 87 -15.97 0.02 5.93
CA LYS A 87 -15.76 0.46 7.30
C LYS A 87 -15.40 -0.78 8.09
N SER A 88 -14.22 -0.74 8.68
CA SER A 88 -13.77 -1.91 9.40
C SER A 88 -13.20 -1.50 10.75
N TYR A 89 -12.98 -2.51 11.57
CA TYR A 89 -12.33 -2.32 12.85
C TYR A 89 -11.70 -3.66 13.22
N GLY A 90 -10.75 -3.59 14.14
CA GLY A 90 -10.23 -4.84 14.67
C GLY A 90 -9.15 -4.61 15.71
N THR A 91 -8.39 -5.66 15.93
CA THR A 91 -7.37 -5.69 16.95
C THR A 91 -6.32 -6.68 16.49
N ASP A 92 -5.06 -6.43 16.89
CA ASP A 92 -4.02 -7.42 16.68
C ASP A 92 -3.00 -7.37 17.80
N VAL A 93 -2.21 -8.44 17.83
CA VAL A 93 -1.12 -8.60 18.77
CA VAL A 93 -1.14 -8.64 18.78
C VAL A 93 0.07 -9.13 17.99
N THR A 94 1.24 -8.54 18.24
CA THR A 94 2.42 -8.82 17.46
C THR A 94 3.63 -8.98 18.38
N LEU A 95 4.33 -10.11 18.25
CA LEU A 95 5.65 -10.31 18.81
C LEU A 95 6.71 -9.90 17.76
N GLY A 96 7.65 -9.03 18.16
CA GLY A 96 8.78 -8.58 17.33
C GLY A 96 10.08 -9.22 17.82
N PHE A 97 10.75 -9.99 16.95
CA PHE A 97 11.95 -10.74 17.32
C PHE A 97 13.16 -10.16 16.60
N PRO A 98 14.15 -9.62 17.33
CA PRO A 98 15.40 -9.17 16.70
C PRO A 98 16.27 -10.40 16.48
N ILE A 99 16.54 -10.77 15.23
CA ILE A 99 17.31 -11.97 14.95
C ILE A 99 18.81 -11.62 15.01
N ASN A 100 19.19 -10.50 14.44
CA ASN A 100 20.58 -10.08 14.46
C ASN A 100 20.56 -8.63 14.02
N GLU A 101 21.73 -8.05 13.82
CA GLU A 101 21.81 -6.64 13.50
C GLU A 101 20.94 -6.26 12.30
N TYR A 102 20.80 -7.17 11.32
CA TYR A 102 20.23 -6.82 10.02
C TYR A 102 18.84 -7.42 9.84
N ASN A 103 18.40 -8.30 10.73
CA ASN A 103 17.19 -9.07 10.49
C ASN A 103 16.28 -9.03 11.71
N SER A 104 14.99 -8.78 11.47
CA SER A 104 13.96 -9.03 12.48
C SER A 104 12.76 -9.75 11.89
N LEU A 105 12.07 -10.50 12.75
CA LEU A 105 10.89 -11.26 12.39
C LEU A 105 9.73 -10.77 13.23
N ARG A 106 8.51 -10.97 12.72
CA ARG A 106 7.28 -10.56 13.39
C ARG A 106 6.29 -11.70 13.24
N ALA A 107 5.60 -12.03 14.33
CA ALA A 107 4.48 -12.94 14.29
C ALA A 107 3.35 -12.35 15.12
N GLY A 108 2.13 -12.54 14.62
CA GLY A 108 0.98 -11.83 15.16
C GLY A 108 -0.31 -12.54 14.82
N LEU A 109 -1.32 -12.27 15.65
CA LEU A 109 -2.69 -12.66 15.39
C LEU A 109 -3.52 -11.39 15.29
N GLY A 110 -4.51 -11.44 14.41
CA GLY A 110 -5.35 -10.29 14.10
C GLY A 110 -6.80 -10.72 13.97
N TYR A 111 -7.69 -9.82 14.38
CA TYR A 111 -9.11 -9.97 14.15
C TYR A 111 -9.55 -8.74 13.38
N VAL A 112 -10.33 -8.93 12.31
CA VAL A 112 -10.84 -7.77 11.60
C VAL A 112 -12.27 -8.05 11.15
N HIS A 113 -13.07 -7.00 11.29
CA HIS A 113 -14.45 -6.99 10.88
C HIS A 113 -14.50 -6.01 9.71
N ASN A 114 -14.97 -6.50 8.57
CA ASN A 114 -15.12 -5.66 7.39
C ASN A 114 -16.60 -5.49 7.08
N SER A 115 -16.97 -4.24 6.84
CA SER A 115 -18.33 -3.92 6.48
C SER A 115 -18.34 -3.18 5.15
N LEU A 116 -18.76 -3.90 4.10
CA LEU A 116 -18.80 -3.41 2.74
C LEU A 116 -20.22 -2.99 2.41
N SER A 117 -20.33 -1.80 1.81
CA SER A 117 -21.59 -1.27 1.36
C SER A 117 -21.29 -0.43 0.15
N ASN A 118 -22.35 0.00 -0.53
CA ASN A 118 -22.26 0.98 -1.58
C ASN A 118 -21.38 0.46 -2.72
N MET A 119 -21.45 -0.85 -2.95
CA MET A 119 -20.64 -1.48 -3.98
C MET A 119 -21.34 -1.29 -5.31
N GLN A 120 -20.68 -0.61 -6.24
CA GLN A 120 -21.19 -0.54 -7.59
C GLN A 120 -20.96 -1.88 -8.30
N PRO A 121 -22.03 -2.60 -8.67
CA PRO A 121 -21.91 -3.96 -9.19
C PRO A 121 -20.96 -4.04 -10.39
N GLN A 122 -20.03 -5.00 -10.29
CA GLN A 122 -19.03 -5.27 -11.32
C GLN A 122 -18.58 -6.71 -11.19
N VAL A 123 -18.03 -7.23 -12.27
CA VAL A 123 -17.89 -8.67 -12.43
C VAL A 123 -16.95 -9.23 -11.38
N ALA A 124 -15.72 -8.70 -11.32
CA ALA A 124 -14.71 -9.30 -10.45
C ALA A 124 -15.20 -9.25 -8.99
N MET A 125 -15.79 -8.11 -8.61
CA MET A 125 -16.30 -7.95 -7.26
C MET A 125 -17.41 -8.97 -6.98
N TRP A 126 -18.33 -9.18 -7.95
CA TRP A 126 -19.45 -10.07 -7.73
C TRP A 126 -18.98 -11.51 -7.77
N ARG A 127 -17.95 -11.79 -8.57
CA ARG A 127 -17.39 -13.13 -8.60
C ARG A 127 -16.85 -13.48 -7.20
N TYR A 128 -16.22 -12.51 -6.51
CA TYR A 128 -15.76 -12.75 -5.15
C TYR A 128 -16.97 -13.05 -4.24
N LEU A 129 -17.98 -12.17 -4.34
CA LEU A 129 -19.15 -12.28 -3.48
C LEU A 129 -19.81 -13.63 -3.65
N TYR A 130 -19.91 -14.09 -4.91
CA TYR A 130 -20.55 -15.36 -5.18
C TYR A 130 -19.76 -16.50 -4.57
N SER A 131 -18.42 -16.42 -4.64
CA SER A 131 -17.58 -17.41 -4.01
C SER A 131 -17.87 -17.48 -2.52
N MET A 132 -18.40 -16.38 -1.95
CA MET A 132 -18.68 -16.31 -0.52
C MET A 132 -20.12 -16.77 -0.21
N GLY A 133 -20.88 -17.20 -1.23
CA GLY A 133 -22.28 -17.58 -1.07
C GLY A 133 -23.23 -16.39 -1.01
N GLU A 134 -22.77 -15.21 -1.45
CA GLU A 134 -23.54 -13.99 -1.37
C GLU A 134 -23.97 -13.54 -2.76
N HIS A 135 -25.23 -13.10 -2.89
CA HIS A 135 -25.82 -12.88 -4.20
C HIS A 135 -26.56 -11.55 -4.22
N PRO A 136 -25.87 -10.41 -4.03
CA PRO A 136 -26.52 -9.11 -4.08
C PRO A 136 -27.03 -8.88 -5.49
N SER A 137 -28.04 -8.04 -5.59
CA SER A 137 -28.55 -7.54 -6.85
C SER A 137 -27.40 -6.94 -7.65
N THR A 138 -27.49 -7.04 -8.99
CA THR A 138 -26.51 -6.45 -9.88
C THR A 138 -26.96 -5.07 -10.38
N SER A 139 -28.17 -4.63 -10.01
CA SER A 139 -28.76 -3.47 -10.66
C SER A 139 -28.84 -2.26 -9.74
N ASP A 140 -28.24 -2.33 -8.55
CA ASP A 140 -28.20 -1.15 -7.71
C ASP A 140 -27.00 -1.21 -6.77
N GLN A 141 -26.73 -0.05 -6.15
CA GLN A 141 -25.63 0.15 -5.21
C GLN A 141 -26.09 0.00 -3.77
N ASP A 142 -27.24 -0.63 -3.55
CA ASP A 142 -27.78 -0.76 -2.21
C ASP A 142 -27.50 -2.17 -1.73
N ASN A 143 -26.40 -2.31 -0.97
CA ASN A 143 -25.95 -3.64 -0.61
C ASN A 143 -25.09 -3.51 0.64
N SER A 144 -24.84 -4.69 1.22
CA SER A 144 -24.17 -4.78 2.49
C SER A 144 -23.52 -6.15 2.49
N PHE A 145 -22.27 -6.25 2.93
CA PHE A 145 -21.60 -7.54 3.00
C PHE A 145 -20.56 -7.43 4.12
N LYS A 146 -20.66 -8.34 5.09
CA LYS A 146 -19.86 -8.22 6.29
C LYS A 146 -19.08 -9.50 6.52
N THR A 147 -17.80 -9.35 6.91
CA THR A 147 -16.97 -10.51 7.23
C THR A 147 -16.25 -10.28 8.55
N ASP A 148 -15.93 -11.41 9.19
CA ASP A 148 -15.13 -11.42 10.40
C ASP A 148 -14.01 -12.42 10.21
N ASP A 149 -12.76 -11.92 10.25
CA ASP A 149 -11.63 -12.76 9.97
C ASP A 149 -10.62 -12.75 11.13
N PHE A 150 -10.00 -13.92 11.32
CA PHE A 150 -8.89 -14.10 12.24
C PHE A 150 -7.67 -14.47 11.38
N THR A 151 -6.55 -13.76 11.59
CA THR A 151 -5.39 -13.99 10.75
C THR A 151 -4.17 -14.27 11.60
N PHE A 152 -3.30 -15.15 11.07
CA PHE A 152 -1.91 -15.22 11.46
C PHE A 152 -1.09 -14.34 10.54
N ASN A 153 -0.30 -13.44 11.13
CA ASN A 153 0.44 -12.39 10.43
C ASN A 153 1.92 -12.59 10.65
N TYR A 154 2.69 -12.59 9.57
CA TYR A 154 4.12 -12.77 9.74
C TYR A 154 4.86 -11.74 8.91
N GLY A 155 6.10 -11.47 9.32
CA GLY A 155 6.88 -10.42 8.72
C GLY A 155 8.36 -10.76 8.84
N TRP A 156 9.14 -10.35 7.84
CA TRP A 156 10.59 -10.40 7.92
C TRP A 156 11.13 -9.10 7.34
N THR A 157 11.97 -8.43 8.13
CA THR A 157 12.62 -7.23 7.62
C THR A 157 14.12 -7.46 7.62
N TYR A 158 14.73 -7.24 6.45
CA TYR A 158 16.17 -7.22 6.28
C TYR A 158 16.55 -5.78 6.00
N ASN A 159 17.46 -5.23 6.82
CA ASN A 159 17.90 -3.87 6.63
C ASN A 159 19.42 -3.78 6.78
N LYS A 160 20.12 -3.57 5.66
CA LYS A 160 21.57 -3.35 5.69
C LYS A 160 21.92 -2.15 4.81
N LEU A 161 21.25 -1.03 5.04
CA LEU A 161 21.56 0.19 4.34
C LEU A 161 22.65 0.92 5.11
N ASP A 162 23.53 1.60 4.38
CA ASP A 162 24.62 2.36 4.99
C ASP A 162 24.07 3.48 5.87
N ARG A 163 22.96 4.07 5.43
CA ARG A 163 22.27 5.11 6.17
C ARG A 163 20.82 5.14 5.67
N GLY A 164 19.92 5.65 6.51
CA GLY A 164 18.50 5.70 6.17
C GLY A 164 18.15 6.93 5.34
N TYR A 165 18.90 8.03 5.55
CA TYR A 165 18.73 9.27 4.80
C TYR A 165 19.61 9.19 3.55
N PHE A 166 18.97 9.17 2.38
CA PHE A 166 19.68 9.05 1.11
C PHE A 166 20.70 7.92 1.19
N PRO A 167 20.25 6.65 1.25
CA PRO A 167 21.18 5.51 1.31
C PRO A 167 22.00 5.45 0.03
N THR A 168 23.27 5.02 0.13
CA THR A 168 24.07 4.88 -1.07
C THR A 168 24.50 3.43 -1.25
N ASP A 169 24.24 2.55 -0.27
CA ASP A 169 24.79 1.23 -0.37
C ASP A 169 24.00 0.25 0.50
N GLY A 170 23.75 -0.94 -0.02
CA GLY A 170 23.10 -1.97 0.78
C GLY A 170 21.66 -2.18 0.32
N SER A 171 20.94 -3.04 1.06
CA SER A 171 19.59 -3.36 0.63
CA SER A 171 19.61 -3.50 0.65
C SER A 171 18.65 -3.40 1.82
N ARG A 172 17.37 -3.20 1.50
CA ARG A 172 16.29 -3.38 2.44
C ARG A 172 15.28 -4.33 1.79
N VAL A 173 14.86 -5.36 2.53
CA VAL A 173 13.86 -6.30 2.08
C VAL A 173 12.81 -6.41 3.18
N ASN A 174 11.53 -6.36 2.77
CA ASN A 174 10.40 -6.56 3.65
C ASN A 174 9.49 -7.61 3.04
N LEU A 175 9.30 -8.70 3.79
CA LEU A 175 8.41 -9.80 3.44
C LEU A 175 7.29 -9.81 4.45
N THR A 176 6.05 -9.73 3.95
CA THR A 176 4.86 -9.81 4.83
C THR A 176 3.95 -10.89 4.31
N GLY A 177 3.39 -11.69 5.19
CA GLY A 177 2.43 -12.71 4.82
C GLY A 177 1.27 -12.71 5.81
N LYS A 178 0.09 -13.12 5.32
CA LYS A 178 -0.96 -13.48 6.23
C LYS A 178 -1.83 -14.59 5.68
N VAL A 179 -2.47 -15.29 6.63
CA VAL A 179 -3.39 -16.36 6.30
C VAL A 179 -4.55 -16.34 7.30
N THR A 180 -5.77 -16.55 6.81
CA THR A 180 -6.92 -16.71 7.66
C THR A 180 -6.76 -17.98 8.49
N ILE A 181 -7.31 -17.95 9.69
CA ILE A 181 -7.37 -19.10 10.57
C ILE A 181 -8.78 -19.70 10.49
N PRO A 182 -8.94 -21.03 10.57
CA PRO A 182 -10.27 -21.64 10.56
C PRO A 182 -11.19 -20.94 11.55
N GLY A 183 -12.44 -20.68 11.15
CA GLY A 183 -13.33 -19.85 11.93
C GLY A 183 -13.56 -18.51 11.22
N SER A 184 -12.64 -18.11 10.34
CA SER A 184 -12.84 -16.89 9.59
C SER A 184 -13.95 -17.09 8.55
N ASP A 185 -14.59 -16.01 8.15
CA ASP A 185 -15.47 -16.02 6.99
C ASP A 185 -14.67 -16.19 5.72
N ASN A 186 -13.70 -15.28 5.47
CA ASN A 186 -12.78 -15.41 4.35
C ASN A 186 -11.80 -16.56 4.58
N GLU A 187 -11.25 -17.07 3.47
CA GLU A 187 -10.25 -18.12 3.51
C GLU A 187 -9.24 -17.83 2.41
N TYR A 188 -8.10 -17.30 2.80
CA TYR A 188 -7.10 -16.90 1.84
C TYR A 188 -5.78 -16.65 2.53
N TYR A 189 -4.75 -16.50 1.69
CA TYR A 189 -3.44 -16.09 2.14
C TYR A 189 -3.02 -14.94 1.26
N LYS A 190 -2.05 -14.18 1.72
CA LYS A 190 -1.52 -13.06 0.96
C LYS A 190 -0.07 -12.88 1.37
N VAL A 191 0.80 -12.65 0.37
CA VAL A 191 2.22 -12.43 0.55
C VAL A 191 2.66 -11.20 -0.24
N THR A 192 3.52 -10.37 0.36
CA THR A 192 4.09 -9.20 -0.25
C THR A 192 5.60 -9.21 -0.01
N LEU A 193 6.37 -8.75 -1.00
CA LEU A 193 7.82 -8.69 -0.91
C LEU A 193 8.26 -7.37 -1.51
N ASP A 194 8.95 -6.56 -0.72
CA ASP A 194 9.54 -5.32 -1.16
C ASP A 194 11.06 -5.47 -1.09
N THR A 195 11.77 -5.04 -2.16
CA THR A 195 13.23 -4.97 -2.13
C THR A 195 13.66 -3.62 -2.69
N ALA A 196 14.72 -3.10 -2.08
CA ALA A 196 15.48 -2.01 -2.63
C ALA A 196 16.94 -2.37 -2.39
N THR A 197 17.73 -2.20 -3.44
CA THR A 197 19.17 -2.41 -3.36
C THR A 197 19.87 -1.22 -4.01
N TYR A 198 20.81 -0.66 -3.25
CA TYR A 198 21.62 0.46 -3.65
C TYR A 198 23.04 -0.04 -3.90
N VAL A 199 23.54 0.23 -5.12
CA VAL A 199 24.91 -0.11 -5.50
C VAL A 199 25.61 1.18 -5.90
N PRO A 200 26.58 1.65 -5.10
CA PRO A 200 27.32 2.87 -5.43
C PRO A 200 28.37 2.60 -6.50
N ILE A 201 28.50 3.50 -7.47
CA ILE A 201 29.44 3.35 -8.57
C ILE A 201 30.80 3.98 -8.25
N ASP A 202 30.80 5.22 -7.73
CA ASP A 202 32.04 5.96 -7.48
C ASP A 202 32.42 5.79 -6.02
N ASP A 203 33.68 6.11 -5.69
CA ASP A 203 34.16 6.02 -4.33
C ASP A 203 33.43 6.99 -3.39
N ASP A 204 32.98 8.13 -3.91
CA ASP A 204 32.28 9.11 -3.09
C ASP A 204 30.78 8.83 -3.02
N HIS A 205 30.30 7.77 -3.71
CA HIS A 205 28.90 7.37 -3.58
C HIS A 205 27.93 8.48 -3.96
N LYS A 206 28.30 9.28 -4.96
CA LYS A 206 27.45 10.32 -5.50
C LYS A 206 26.71 9.76 -6.71
N TRP A 207 27.22 8.65 -7.23
CA TRP A 207 26.58 7.98 -8.34
C TRP A 207 26.12 6.60 -7.86
N VAL A 208 24.79 6.37 -7.81
CA VAL A 208 24.24 5.20 -7.15
C VAL A 208 23.19 4.59 -8.06
N VAL A 209 23.18 3.25 -8.15
CA VAL A 209 22.13 2.54 -8.86
C VAL A 209 21.21 1.90 -7.81
N LEU A 210 19.92 2.22 -7.96
CA LEU A 210 18.86 1.66 -7.12
C LEU A 210 18.09 0.68 -8.00
N GLY A 211 18.00 -0.55 -7.52
CA GLY A 211 17.09 -1.52 -8.11
C GLY A 211 16.04 -1.88 -7.07
N ARG A 212 14.78 -1.74 -7.47
CA ARG A 212 13.63 -1.82 -6.58
C ARG A 212 12.64 -2.80 -7.17
N THR A 213 12.12 -3.71 -6.32
CA THR A 213 11.06 -4.60 -6.74
C THR A 213 9.94 -4.65 -5.71
N ARG A 214 8.78 -5.06 -6.21
CA ARG A 214 7.63 -5.33 -5.35
C ARG A 214 6.86 -6.50 -5.94
N TRP A 215 6.45 -7.43 -5.06
CA TRP A 215 5.70 -8.62 -5.46
C TRP A 215 4.52 -8.84 -4.51
N GLY A 216 3.36 -9.14 -5.08
CA GLY A 216 2.17 -9.37 -4.33
C GLY A 216 1.46 -10.57 -4.90
N TYR A 217 1.14 -11.54 -4.03
CA TYR A 217 0.33 -12.65 -4.49
C TYR A 217 -0.55 -13.06 -3.32
N GLY A 218 -1.83 -13.19 -3.62
CA GLY A 218 -2.79 -13.70 -2.67
C GLY A 218 -3.80 -14.52 -3.44
N ASP A 219 -4.38 -15.54 -2.79
CA ASP A 219 -5.45 -16.31 -3.38
C ASP A 219 -6.29 -17.00 -2.30
N GLY A 220 -7.51 -17.36 -2.69
CA GLY A 220 -8.42 -18.04 -1.80
C GLY A 220 -7.95 -19.46 -1.55
N LEU A 221 -8.26 -19.99 -0.37
CA LEU A 221 -8.16 -21.42 -0.14
C LEU A 221 -9.58 -21.96 -0.23
N GLY A 222 -9.69 -23.20 -0.66
CA GLY A 222 -10.98 -23.74 -1.07
C GLY A 222 -11.47 -22.97 -2.29
N GLY A 223 -12.80 -22.90 -2.44
CA GLY A 223 -13.40 -22.26 -3.59
C GLY A 223 -13.62 -20.77 -3.37
N LYS A 224 -13.35 -20.29 -2.15
CA LYS A 224 -13.44 -18.87 -1.88
C LYS A 224 -12.27 -18.12 -2.54
N GLU A 225 -12.52 -16.87 -2.93
CA GLU A 225 -11.47 -16.01 -3.44
C GLU A 225 -10.96 -15.08 -2.35
N MET A 226 -9.76 -14.55 -2.57
CA MET A 226 -9.25 -13.47 -1.76
C MET A 226 -10.24 -12.31 -1.88
N PRO A 227 -10.68 -11.68 -0.77
CA PRO A 227 -11.57 -10.55 -0.89
C PRO A 227 -10.93 -9.42 -1.69
N PHE A 228 -11.73 -8.77 -2.53
CA PHE A 228 -11.29 -7.66 -3.34
C PHE A 228 -10.76 -6.55 -2.46
N TYR A 229 -11.25 -6.44 -1.21
CA TYR A 229 -10.83 -5.34 -0.34
C TYR A 229 -9.40 -5.57 0.20
N GLU A 230 -8.76 -6.67 -0.19
CA GLU A 230 -7.37 -6.95 0.11
C GLU A 230 -6.50 -6.92 -1.15
N ASN A 231 -7.05 -6.42 -2.27
CA ASN A 231 -6.36 -6.41 -3.54
C ASN A 231 -5.07 -5.58 -3.47
N PHE A 232 -4.13 -5.92 -4.34
CA PHE A 232 -2.98 -5.09 -4.59
C PHE A 232 -3.28 -4.09 -5.70
N TYR A 233 -2.54 -2.98 -5.68
CA TYR A 233 -2.62 -1.97 -6.73
C TYR A 233 -1.21 -1.58 -7.17
N ALA A 234 -1.15 -0.82 -8.27
CA ALA A 234 0.09 -0.19 -8.69
C ALA A 234 -0.22 1.01 -9.60
N GLY A 235 0.76 1.90 -9.68
CA GLY A 235 0.58 3.18 -10.33
C GLY A 235 0.56 4.28 -9.28
N GLY A 236 1.42 5.26 -9.42
CA GLY A 236 1.41 6.37 -8.50
C GLY A 236 2.82 6.81 -8.16
N SER A 237 2.88 7.77 -7.25
CA SER A 237 4.09 8.51 -7.00
C SER A 237 5.13 7.61 -6.34
N SER A 238 4.71 6.50 -5.70
CA SER A 238 5.60 5.68 -4.92
C SER A 238 5.79 4.28 -5.52
N THR A 239 5.20 4.00 -6.70
CA THR A 239 5.23 2.62 -7.21
C THR A 239 5.71 2.66 -8.65
N VAL A 240 4.79 3.00 -9.57
CA VAL A 240 5.13 3.21 -10.96
C VAL A 240 4.82 4.66 -11.35
N ARG A 241 5.86 5.51 -11.35
CA ARG A 241 5.69 6.94 -11.64
C ARG A 241 5.15 7.16 -13.05
N GLY A 242 4.32 8.22 -13.18
CA GLY A 242 3.82 8.63 -14.47
C GLY A 242 2.42 8.08 -14.70
N PHE A 243 1.99 7.15 -13.84
CA PHE A 243 0.67 6.58 -13.91
C PHE A 243 -0.15 7.09 -12.74
N GLN A 244 -1.44 7.37 -12.98
CA GLN A 244 -2.30 7.79 -11.90
C GLN A 244 -2.35 6.69 -10.83
N SER A 245 -2.37 7.13 -9.57
CA SER A 245 -2.63 6.26 -8.43
C SER A 245 -3.56 5.11 -8.81
N ASN A 246 -3.01 3.90 -8.68
CA ASN A 246 -3.79 2.68 -8.64
C ASN A 246 -4.39 2.34 -10.01
N THR A 247 -3.97 3.01 -11.09
CA THR A 247 -4.61 2.79 -12.37
C THR A 247 -4.24 1.43 -12.98
N ILE A 248 -3.08 0.89 -12.64
CA ILE A 248 -2.54 -0.26 -13.37
C ILE A 248 -3.31 -1.52 -12.99
N GLY A 249 -3.72 -2.26 -14.02
CA GLY A 249 -4.25 -3.59 -13.83
C GLY A 249 -5.69 -3.67 -14.31
N PRO A 250 -6.46 -4.65 -13.79
CA PRO A 250 -7.83 -4.86 -14.21
C PRO A 250 -8.67 -3.59 -14.02
N LYS A 251 -9.69 -3.45 -14.86
CA LYS A 251 -10.62 -2.34 -14.80
C LYS A 251 -12.00 -2.95 -14.61
N ALA A 252 -12.86 -2.22 -13.92
CA ALA A 252 -14.18 -2.69 -13.59
C ALA A 252 -14.97 -3.00 -14.86
N VAL A 253 -15.65 -4.14 -14.85
CA VAL A 253 -16.66 -4.42 -15.85
C VAL A 253 -18.01 -4.35 -15.13
N TYR A 254 -18.70 -3.21 -15.27
CA TYR A 254 -19.96 -2.97 -14.59
C TYR A 254 -21.13 -3.70 -15.25
N PHE A 255 -22.15 -3.94 -14.44
CA PHE A 255 -23.42 -4.46 -14.92
C PHE A 255 -24.35 -3.29 -15.23
N PRO A 256 -25.36 -3.48 -16.11
CA PRO A 256 -26.38 -2.45 -16.33
C PRO A 256 -27.14 -2.26 -15.01
N HIS A 257 -27.37 -1.00 -14.62
CA HIS A 257 -27.86 -0.71 -13.28
C HIS A 257 -28.49 0.69 -13.23
N TYR A 268 -17.55 3.57 -17.07
CA TYR A 268 -17.40 4.43 -15.85
C TYR A 268 -18.72 4.47 -15.06
N GLU A 269 -19.88 4.39 -15.74
CA GLU A 269 -21.17 4.39 -15.06
C GLU A 269 -21.91 3.08 -15.35
N CYS A 270 -22.46 2.97 -16.57
CA CYS A 270 -23.38 1.90 -16.97
C CYS A 270 -24.77 2.12 -16.37
N ALA A 271 -25.32 3.34 -16.56
CA ALA A 271 -26.63 3.71 -16.06
C ALA A 271 -27.47 4.32 -17.19
N ALA A 276 -28.15 1.93 -20.47
CA ALA A 276 -27.31 0.74 -20.76
C ALA A 276 -28.08 -0.53 -20.41
N LYS A 277 -28.10 -1.49 -21.35
CA LYS A 277 -28.76 -2.76 -21.15
C LYS A 277 -27.76 -3.91 -21.33
N ASP A 278 -26.45 -3.58 -21.23
CA ASP A 278 -25.38 -4.54 -21.43
C ASP A 278 -24.29 -4.32 -20.38
N LEU A 279 -23.31 -5.24 -20.30
CA LEU A 279 -22.12 -5.05 -19.47
C LEU A 279 -21.28 -3.91 -20.07
N CYS A 280 -20.65 -3.09 -19.20
CA CYS A 280 -19.97 -1.87 -19.61
C CYS A 280 -18.50 -1.89 -19.16
N LYS A 281 -17.60 -1.86 -20.14
CA LYS A 281 -16.19 -1.66 -19.86
C LYS A 281 -16.01 -0.28 -19.25
N SER A 282 -14.86 -0.08 -18.61
CA SER A 282 -14.59 1.14 -17.87
C SER A 282 -13.09 1.35 -17.84
N ASP A 283 -12.68 2.45 -17.24
CA ASP A 283 -11.29 2.70 -16.91
C ASP A 283 -11.18 2.95 -15.39
N ASP A 284 -12.09 2.38 -14.62
CA ASP A 284 -11.95 2.38 -13.17
C ASP A 284 -11.14 1.17 -12.73
N ALA A 285 -9.98 1.42 -12.11
CA ALA A 285 -9.12 0.35 -11.62
C ALA A 285 -9.82 -0.40 -10.48
N VAL A 286 -9.58 -1.73 -10.36
CA VAL A 286 -10.13 -2.46 -9.23
C VAL A 286 -9.03 -3.19 -8.44
N GLY A 287 -7.80 -3.15 -8.94
CA GLY A 287 -6.70 -3.90 -8.38
C GLY A 287 -6.81 -5.37 -8.76
N GLY A 288 -6.02 -6.20 -8.08
CA GLY A 288 -5.98 -7.63 -8.36
C GLY A 288 -5.29 -8.40 -7.24
N ASN A 289 -5.32 -9.73 -7.33
CA ASN A 289 -4.72 -10.57 -6.30
C ASN A 289 -3.25 -10.89 -6.61
N ALA A 290 -2.70 -10.34 -7.71
CA ALA A 290 -1.32 -10.52 -8.12
C ALA A 290 -0.76 -9.21 -8.68
N MET A 291 0.49 -8.89 -8.32
CA MET A 291 1.09 -7.62 -8.69
C MET A 291 2.61 -7.77 -8.67
N ALA A 292 3.27 -7.02 -9.55
CA ALA A 292 4.72 -6.99 -9.59
C ALA A 292 5.15 -5.63 -10.13
N VAL A 293 6.15 -5.10 -9.46
CA VAL A 293 6.80 -3.86 -9.82
C VAL A 293 8.32 -4.05 -9.81
N ALA A 294 8.98 -3.42 -10.77
CA ALA A 294 10.42 -3.38 -10.82
C ALA A 294 10.82 -1.98 -11.32
N SER A 295 11.93 -1.49 -10.78
CA SER A 295 12.37 -0.17 -11.16
C SER A 295 13.89 -0.13 -11.09
N LEU A 296 14.48 0.47 -12.13
CA LEU A 296 15.88 0.82 -12.10
C LEU A 296 16.00 2.33 -12.09
N GLU A 297 16.82 2.87 -11.21
CA GLU A 297 16.93 4.30 -10.95
C GLU A 297 18.39 4.66 -10.72
N PHE A 298 18.89 5.59 -11.54
CA PHE A 298 20.26 6.08 -11.43
C PHE A 298 20.23 7.40 -10.69
N ILE A 299 20.87 7.41 -9.53
CA ILE A 299 21.06 8.61 -8.73
C ILE A 299 22.36 9.28 -9.15
N THR A 300 22.30 10.59 -9.43
CA THR A 300 23.42 11.38 -9.94
C THR A 300 23.59 12.59 -9.04
N PRO A 301 24.75 13.28 -9.07
CA PRO A 301 24.92 14.51 -8.31
C PRO A 301 23.88 15.50 -8.84
N THR A 302 23.29 16.29 -7.94
CA THR A 302 22.29 17.28 -8.32
C THR A 302 22.92 18.35 -9.21
N PRO A 303 22.46 18.54 -10.47
CA PRO A 303 23.05 19.54 -11.36
C PRO A 303 22.87 21.01 -10.94
N PHE A 304 23.83 21.86 -11.36
CA PHE A 304 23.78 23.30 -11.15
C PHE A 304 23.48 23.69 -9.70
N ILE A 305 24.06 22.93 -8.77
CA ILE A 305 24.02 23.26 -7.35
C ILE A 305 25.31 22.70 -6.76
N SER A 306 25.72 23.16 -5.59
CA SER A 306 26.96 22.65 -5.03
C SER A 306 27.00 22.86 -3.53
N ASP A 307 27.57 21.89 -2.81
CA ASP A 307 27.77 22.01 -1.38
C ASP A 307 28.80 20.98 -0.93
N ALA A 310 23.79 20.42 -2.06
CA ALA A 310 24.15 19.28 -2.93
C ALA A 310 24.03 17.94 -2.20
N ASN A 311 24.36 17.88 -0.90
CA ASN A 311 24.17 16.66 -0.13
C ASN A 311 22.86 16.69 0.67
N SER A 312 21.99 17.64 0.34
CA SER A 312 20.66 17.69 0.93
C SER A 312 19.58 17.47 -0.15
N VAL A 313 20.01 17.33 -1.40
CA VAL A 313 19.14 16.99 -2.51
C VAL A 313 19.62 15.68 -3.14
N ARG A 314 18.67 14.89 -3.65
CA ARG A 314 18.98 13.70 -4.43
C ARG A 314 18.17 13.77 -5.73
N THR A 315 18.90 13.69 -6.83
CA THR A 315 18.35 13.74 -8.18
C THR A 315 18.52 12.35 -8.80
N SER A 316 17.67 11.99 -9.77
CA SER A 316 17.72 10.65 -10.32
C SER A 316 16.88 10.55 -11.57
N PHE A 317 17.24 9.59 -12.41
CA PHE A 317 16.54 9.21 -13.62
C PHE A 317 16.10 7.75 -13.39
N PHE A 318 14.92 7.39 -13.86
CA PHE A 318 14.47 6.05 -13.54
C PHE A 318 13.66 5.46 -14.67
N TRP A 319 13.59 4.15 -14.56
CA TRP A 319 12.81 3.32 -15.43
C TRP A 319 11.92 2.46 -14.55
N ASP A 320 10.61 2.66 -14.67
CA ASP A 320 9.65 2.06 -13.75
C ASP A 320 8.78 1.12 -14.56
N MET A 321 8.48 -0.03 -13.96
CA MET A 321 7.61 -1.02 -14.64
C MET A 321 6.72 -1.69 -13.59
N GLY A 322 5.54 -2.14 -14.01
CA GLY A 322 4.62 -2.78 -13.09
C GLY A 322 3.42 -3.38 -13.82
N THR A 323 2.83 -4.40 -13.17
CA THR A 323 1.62 -5.03 -13.67
C THR A 323 0.83 -5.53 -12.47
N VAL A 324 -0.49 -5.61 -12.69
CA VAL A 324 -1.44 -6.11 -11.71
C VAL A 324 -2.43 -6.99 -12.47
N TRP A 325 -2.79 -8.14 -11.88
CA TRP A 325 -3.74 -8.97 -12.57
C TRP A 325 -4.62 -9.75 -11.60
N ASP A 326 -5.61 -10.40 -12.21
CA ASP A 326 -6.66 -11.08 -11.50
C ASP A 326 -6.63 -12.53 -11.95
N THR A 327 -6.11 -13.42 -11.10
CA THR A 327 -5.83 -14.77 -11.51
C THR A 327 -7.14 -15.54 -11.67
N ASN A 328 -8.25 -15.00 -11.14
CA ASN A 328 -9.53 -15.67 -11.23
C ASN A 328 -10.44 -15.04 -12.29
N TRP A 329 -9.90 -14.08 -13.04
CA TRP A 329 -10.63 -13.53 -14.16
C TRP A 329 -10.87 -14.64 -15.19
N ASP A 330 -12.11 -14.79 -15.63
CA ASP A 330 -12.53 -15.89 -16.47
C ASP A 330 -12.72 -15.38 -17.89
N SER A 331 -11.66 -15.51 -18.67
CA SER A 331 -11.62 -15.00 -20.04
C SER A 331 -12.59 -15.75 -20.94
N SER A 332 -12.72 -17.07 -20.75
CA SER A 332 -13.55 -17.89 -21.61
C SER A 332 -14.98 -17.39 -21.54
N GLN A 333 -15.46 -17.10 -20.34
CA GLN A 333 -16.82 -16.59 -20.24
C GLN A 333 -16.89 -15.18 -20.85
N TYR A 334 -15.82 -14.38 -20.71
CA TYR A 334 -15.80 -12.97 -21.10
C TYR A 334 -14.81 -12.74 -22.23
N SER A 335 -14.86 -13.62 -23.23
CA SER A 335 -14.03 -13.51 -24.43
C SER A 335 -14.12 -12.11 -25.07
N GLY A 336 -15.23 -11.43 -24.92
CA GLY A 336 -15.32 -10.10 -25.51
C GLY A 336 -14.58 -9.02 -24.73
N TYR A 337 -13.97 -9.33 -23.56
CA TYR A 337 -13.34 -8.27 -22.78
C TYR A 337 -11.83 -8.47 -22.68
N PRO A 338 -11.02 -7.46 -22.27
CA PRO A 338 -9.60 -7.71 -22.03
C PRO A 338 -9.43 -8.86 -21.04
N ASP A 339 -8.40 -9.68 -21.25
CA ASP A 339 -8.12 -10.81 -20.38
C ASP A 339 -7.37 -10.31 -19.14
N TYR A 340 -8.08 -10.00 -18.07
CA TYR A 340 -7.48 -9.39 -16.91
C TYR A 340 -6.68 -10.41 -16.08
N SER A 341 -6.69 -11.69 -16.46
CA SER A 341 -5.83 -12.68 -15.83
C SER A 341 -4.44 -12.69 -16.47
N ASP A 342 -4.22 -11.90 -17.53
CA ASP A 342 -2.97 -11.94 -18.24
C ASP A 342 -1.95 -11.14 -17.45
N PRO A 343 -0.84 -11.76 -16.99
CA PRO A 343 0.18 -11.02 -16.24
C PRO A 343 1.14 -10.18 -17.07
N SER A 344 1.03 -10.26 -18.38
CA SER A 344 2.11 -9.77 -19.24
C SER A 344 1.86 -8.35 -19.73
N ASN A 345 0.78 -7.69 -19.29
CA ASN A 345 0.56 -6.28 -19.64
C ASN A 345 1.39 -5.39 -18.72
N ILE A 346 2.68 -5.34 -19.05
CA ILE A 346 3.66 -4.63 -18.26
C ILE A 346 3.65 -3.18 -18.73
N ARG A 347 3.36 -2.29 -17.77
CA ARG A 347 3.37 -0.85 -17.98
C ARG A 347 4.78 -0.40 -17.72
N MET A 348 5.15 0.72 -18.35
CA MET A 348 6.50 1.22 -18.18
C MET A 348 6.45 2.72 -18.36
N SER A 349 7.33 3.37 -17.62
CA SER A 349 7.50 4.78 -17.63
C SER A 349 8.99 5.08 -17.47
N ALA A 350 9.35 6.30 -17.89
CA ALA A 350 10.68 6.85 -17.67
C ALA A 350 10.53 8.25 -17.11
N GLY A 351 11.42 8.65 -16.23
CA GLY A 351 11.29 9.99 -15.70
C GLY A 351 12.47 10.40 -14.83
N ILE A 352 12.27 11.56 -14.20
CA ILE A 352 13.25 12.19 -13.34
CA ILE A 352 13.25 12.19 -13.34
C ILE A 352 12.58 12.44 -11.99
N ALA A 353 13.39 12.41 -10.93
CA ALA A 353 12.89 12.62 -9.60
C ALA A 353 13.89 13.46 -8.84
N LEU A 354 13.37 14.14 -7.83
CA LEU A 354 14.09 14.98 -6.90
C LEU A 354 13.51 14.72 -5.52
N GLN A 355 14.41 14.65 -4.55
CA GLN A 355 14.05 14.49 -3.16
C GLN A 355 14.83 15.55 -2.41
N TRP A 356 14.25 16.05 -1.32
CA TRP A 356 14.82 17.16 -0.59
C TRP A 356 14.16 17.22 0.79
N MET A 357 14.94 17.44 1.84
CA MET A 357 14.30 17.66 3.13
C MET A 357 13.90 19.13 3.20
N SER A 358 12.64 19.38 2.82
CA SER A 358 12.12 20.73 2.72
C SER A 358 11.71 21.18 4.10
N PRO A 359 11.46 22.49 4.32
CA PRO A 359 11.01 22.95 5.64
C PRO A 359 9.57 22.54 5.93
N LEU A 360 8.83 22.09 4.92
CA LEU A 360 7.54 21.47 5.16
C LEU A 360 7.68 19.96 5.39
N GLY A 361 8.91 19.45 5.40
CA GLY A 361 9.16 18.04 5.65
C GLY A 361 9.67 17.33 4.41
N PRO A 362 9.93 16.01 4.48
CA PRO A 362 10.55 15.30 3.37
C PRO A 362 9.73 15.51 2.10
N LEU A 363 10.41 15.86 1.02
CA LEU A 363 9.75 16.23 -0.20
C LEU A 363 10.33 15.42 -1.35
N VAL A 364 9.44 14.90 -2.20
CA VAL A 364 9.84 14.22 -3.42
C VAL A 364 8.94 14.71 -4.53
N PHE A 365 9.55 14.91 -5.69
CA PHE A 365 8.89 15.34 -6.89
C PHE A 365 9.37 14.44 -8.01
N SER A 366 8.50 14.13 -8.97
CA SER A 366 8.88 13.36 -10.12
C SER A 366 8.05 13.83 -11.30
N TYR A 367 8.69 13.73 -12.46
CA TYR A 367 8.05 13.92 -13.74
C TYR A 367 8.44 12.71 -14.57
N ALA A 368 7.45 12.05 -15.15
CA ALA A 368 7.66 10.78 -15.81
C ALA A 368 6.59 10.62 -16.87
N GLN A 369 7.00 10.06 -18.02
CA GLN A 369 6.14 9.75 -19.14
C GLN A 369 5.91 8.23 -19.20
N PRO A 370 4.63 7.79 -19.18
CA PRO A 370 4.29 6.37 -19.36
C PRO A 370 4.37 5.98 -20.81
N PHE A 371 5.52 5.43 -21.22
CA PHE A 371 5.72 5.09 -22.62
C PHE A 371 5.30 3.66 -22.91
N LYS A 372 4.70 2.94 -21.96
CA LYS A 372 3.93 1.75 -22.32
C LYS A 372 2.71 1.63 -21.41
N LYS A 373 1.53 1.61 -22.02
CA LYS A 373 0.29 1.59 -21.26
C LYS A 373 -0.77 0.84 -22.04
N TYR A 374 -1.86 0.54 -21.35
CA TYR A 374 -2.93 -0.26 -21.92
C TYR A 374 -4.23 0.50 -21.70
N ASP A 375 -5.32 -0.05 -22.24
CA ASP A 375 -6.58 0.66 -22.37
C ASP A 375 -7.17 0.91 -20.99
N GLY A 376 -7.55 2.15 -20.77
CA GLY A 376 -8.11 2.55 -19.51
C GLY A 376 -7.04 3.09 -18.57
N ASP A 377 -5.75 2.82 -18.83
CA ASP A 377 -4.72 3.34 -17.95
C ASP A 377 -4.71 4.85 -18.02
N LYS A 378 -4.51 5.50 -16.89
CA LYS A 378 -4.49 6.94 -16.86
C LYS A 378 -3.11 7.42 -16.44
N ALA A 379 -2.70 8.52 -17.07
CA ALA A 379 -1.39 9.10 -16.94
C ALA A 379 -1.42 10.15 -15.86
N GLU A 380 -0.28 10.34 -15.19
CA GLU A 380 -0.12 11.42 -14.23
C GLU A 380 1.37 11.72 -14.19
N GLN A 381 1.76 12.62 -15.10
CA GLN A 381 3.16 12.85 -15.41
C GLN A 381 3.85 13.44 -14.21
N PHE A 382 3.21 14.41 -13.57
CA PHE A 382 3.87 15.14 -12.50
C PHE A 382 3.30 14.65 -11.18
N GLN A 383 4.19 14.18 -10.29
CA GLN A 383 3.76 13.56 -9.05
C GLN A 383 4.67 14.09 -7.97
N PHE A 384 4.15 14.14 -6.75
CA PHE A 384 4.90 14.64 -5.63
C PHE A 384 4.26 14.18 -4.32
N ASN A 385 5.02 14.36 -3.28
CA ASN A 385 4.59 13.99 -1.96
C ASN A 385 5.43 14.83 -1.02
N ILE A 386 4.76 15.46 -0.05
CA ILE A 386 5.38 16.35 0.92
C ILE A 386 4.92 15.95 2.31
N GLY A 387 5.89 15.76 3.22
CA GLY A 387 5.61 15.41 4.60
C GLY A 387 5.10 13.98 4.66
N LYS A 388 4.52 13.60 5.81
CA LYS A 388 4.00 12.26 6.01
C LYS A 388 2.62 12.13 5.36
N THR A 389 2.51 11.21 4.39
CA THR A 389 1.23 10.78 3.85
C THR A 389 1.03 9.27 4.05
N TRP A 390 1.79 8.64 4.96
CA TRP A 390 1.76 7.18 5.16
C TRP A 390 1.42 6.87 6.63
N PHE B 2 7.81 0.53 3.16
CA PHE B 2 9.03 -0.03 3.70
C PHE B 2 10.24 0.92 3.57
N LEU B 3 10.17 1.90 2.68
CA LEU B 3 11.30 2.81 2.49
C LEU B 3 10.80 4.11 1.86
N TRP B 4 11.28 5.26 2.34
CA TRP B 4 10.84 6.54 1.82
C TRP B 4 11.52 6.80 0.46
N TYR B 6 8.70 4.94 -1.32
CA TYR B 6 8.40 3.78 -2.15
C TYR B 6 7.31 2.95 -1.50
N HIS B 7 6.30 2.57 -2.29
CA HIS B 7 5.37 1.52 -1.93
C HIS B 7 4.51 1.94 -0.74
N ARG B 8 3.93 3.15 -0.84
CA ARG B 8 3.01 3.61 0.17
C ARG B 8 1.77 2.73 0.11
N PRO B 9 1.29 2.11 1.20
CA PRO B 9 0.03 1.39 1.08
C PRO B 9 -1.10 2.36 0.71
N VAL B 10 -2.02 1.82 -0.08
CA VAL B 10 -3.29 2.46 -0.32
C VAL B 10 -4.15 2.36 0.93
N ARG B 11 -4.39 1.15 1.41
CA ARG B 11 -5.12 0.98 2.69
C ARG B 11 -4.10 1.25 3.79
N GLY B 12 -3.99 2.50 4.22
CA GLY B 12 -3.05 2.90 5.23
C GLY B 12 -3.45 2.30 6.53
N ASP B 14 -0.01 1.18 7.88
CA ASP B 14 1.03 0.36 8.52
C ASP B 14 2.38 0.41 7.81
N CYS B 15 2.67 1.53 7.16
CA CYS B 15 3.94 1.74 6.50
C CYS B 15 4.86 2.58 7.40
N TRP C 1 4.76 18.24 7.23
CA TRP C 1 5.17 18.90 8.49
C TRP C 1 4.50 18.15 9.64
N ASN C 2 5.16 18.11 10.81
CA ASN C 2 4.62 17.52 12.03
C ASN C 2 5.10 18.37 13.22
N SER C 4 5.21 18.56 17.39
CA SER C 4 5.18 17.68 18.54
C SER C 4 5.62 18.39 19.84
N LYS C 5 4.77 18.38 20.88
CA LYS C 5 4.92 19.17 22.12
C LYS C 5 4.73 18.22 23.30
N SER C 6 5.69 18.17 24.23
CA SER C 6 5.59 17.26 25.36
C SER C 6 4.79 17.91 26.48
N PHE C 7 4.52 17.15 27.54
CA PHE C 7 3.78 17.64 28.69
C PHE C 7 4.35 17.00 29.96
#